data_4KM0
#
_entry.id   4KM0
#
_cell.length_a   32.320
_cell.length_b   63.450
_cell.length_c   78.120
_cell.angle_alpha   90.00
_cell.angle_beta   100.80
_cell.angle_gamma   90.00
#
_symmetry.space_group_name_H-M   'P 1 21 1'
#
loop_
_entity.id
_entity.type
_entity.pdbx_description
1 polymer 'Dihydrofolate reductase'
2 non-polymer 5-(4-CHLORO-PHENYL)-6-ETHYL-PYRIMIDINE-2,4-DIAMINE
3 non-polymer "2'-MONOPHOSPHOADENOSINE-5'-DIPHOSPHATE"
4 water water
#
_entity_poly.entity_id   1
_entity_poly.type   'polypeptide(L)'
_entity_poly.pdbx_seq_one_letter_code
;MGSSHHHHHHSSGLVPRGSHMVGLIWAQATSGVIGRGGDIPWRLPEDQAHFREITMGHTIVMGRRTWDSLPAKVRPLPGR
RNVVLSRQADFMASGAEVVGSLEEALTSPETWVIGGGQVYALALPYATRCEVTEVDIGLPREAGDALAPVLDETWRGETG
EWRFSRSGLRYRLYSYHRS
;
_entity_poly.pdbx_strand_id   A,B
#
loop_
_chem_comp.id
_chem_comp.type
_chem_comp.name
_chem_comp.formula
ATR non-polymer 2'-MONOPHOSPHOADENOSINE-5'-DIPHOSPHATE 'C10 H16 N5 O13 P3'
CP6 non-polymer 5-(4-CHLORO-PHENYL)-6-ETHYL-PYRIMIDINE-2,4-DIAMINE 'C12 H13 Cl N4'
#
# COMPACT_ATOMS: atom_id res chain seq x y z
N SER A 19 -2.24 2.85 -5.25
CA SER A 19 -1.13 3.25 -4.34
C SER A 19 0.10 2.37 -4.46
N HIS A 20 1.27 3.04 -4.47
CA HIS A 20 2.54 2.39 -4.59
C HIS A 20 3.73 3.15 -4.05
N MET A 21 4.68 3.60 -4.89
CA MET A 21 5.99 3.98 -4.37
C MET A 21 5.93 5.41 -3.95
N VAL A 22 6.21 5.64 -2.66
CA VAL A 22 6.33 6.99 -2.10
C VAL A 22 7.77 7.34 -1.83
N GLY A 23 8.18 8.43 -2.46
CA GLY A 23 9.54 8.95 -2.31
C GLY A 23 9.56 10.40 -1.77
N LEU A 24 10.61 10.75 -1.05
CA LEU A 24 10.89 12.12 -0.63
C LEU A 24 12.02 12.63 -1.47
N ILE A 25 11.94 13.88 -1.88
CA ILE A 25 13.02 14.54 -2.62
C ILE A 25 13.28 15.91 -2.02
N TRP A 26 14.55 16.21 -1.66
CA TRP A 26 14.91 17.53 -1.15
C TRP A 26 16.34 17.82 -1.46
N ALA A 27 16.71 19.09 -1.33
CA ALA A 27 18.07 19.56 -1.42
C ALA A 27 18.48 20.22 -0.11
N GLN A 28 19.60 19.89 0.48
CA GLN A 28 19.99 20.39 1.77
C GLN A 28 21.44 20.88 1.73
N ALA A 29 21.76 21.82 2.60
CA ALA A 29 23.16 22.09 2.98
C ALA A 29 23.66 20.88 3.72
N THR A 30 24.98 20.78 3.90
CA THR A 30 25.53 19.70 4.71
C THR A 30 24.89 19.62 6.09
N SER A 31 24.55 20.76 6.68
CA SER A 31 23.98 20.80 8.03
C SER A 31 22.57 20.26 8.14
N GLY A 32 21.89 20.13 7.04
CA GLY A 32 20.48 19.81 7.03
C GLY A 32 19.54 20.95 6.71
N VAL A 33 20.08 22.18 6.60
CA VAL A 33 19.20 23.33 6.27
C VAL A 33 18.66 23.14 4.83
N ILE A 34 17.36 23.30 4.61
CA ILE A 34 16.73 23.27 3.30
C ILE A 34 16.15 24.58 2.90
N GLY A 35 15.94 25.50 3.89
CA GLY A 35 15.35 26.74 3.57
C GLY A 35 15.67 27.72 4.70
N ARG A 36 15.83 29.02 4.39
CA ARG A 36 16.05 30.04 5.41
C ARG A 36 15.41 31.30 4.85
N GLY A 37 14.63 31.95 5.69
CA GLY A 37 13.99 33.22 5.31
C GLY A 37 13.05 33.04 4.14
N GLY A 38 12.51 31.88 3.96
CA GLY A 38 11.61 31.62 2.89
C GLY A 38 12.28 31.39 1.53
N ASP A 39 13.59 31.30 1.50
CA ASP A 39 14.35 31.08 0.27
C ASP A 39 15.23 29.81 0.33
N ILE A 40 15.45 29.27 -0.84
CA ILE A 40 16.48 28.22 -1.05
C ILE A 40 17.82 29.02 -0.78
N PRO A 41 18.72 28.57 0.09
CA PRO A 41 19.88 29.38 0.44
C PRO A 41 21.12 29.33 -0.54
N TRP A 42 20.88 29.00 -1.78
CA TRP A 42 21.95 28.80 -2.80
C TRP A 42 21.24 28.86 -4.13
N ARG A 43 22.05 28.97 -5.18
CA ARG A 43 21.59 28.92 -6.55
C ARG A 43 22.25 27.70 -7.21
N LEU A 44 21.45 26.78 -7.72
CA LEU A 44 22.01 25.54 -8.22
C LEU A 44 21.12 25.00 -9.35
N PRO A 45 21.31 25.49 -10.57
CA PRO A 45 20.46 25.01 -11.64
C PRO A 45 20.52 23.51 -11.88
N GLU A 46 21.66 22.86 -11.59
CA GLU A 46 21.76 21.45 -11.79
C GLU A 46 20.80 20.71 -10.84
N ASP A 47 20.50 21.28 -9.64
CA ASP A 47 19.53 20.65 -8.76
C ASP A 47 18.09 20.83 -9.36
N GLN A 48 17.84 21.93 -10.04
CA GLN A 48 16.56 22.08 -10.75
C GLN A 48 16.41 20.94 -11.75
N ALA A 49 17.50 20.71 -12.52
CA ALA A 49 17.47 19.67 -13.55
C ALA A 49 17.29 18.26 -12.90
N HIS A 50 17.96 18.04 -11.76
CA HIS A 50 17.86 16.77 -11.09
C HIS A 50 16.40 16.57 -10.53
N PHE A 51 15.84 17.59 -9.94
CA PHE A 51 14.49 17.54 -9.44
C PHE A 51 13.53 17.21 -10.55
N ARG A 52 13.71 17.85 -11.68
CA ARG A 52 12.83 17.63 -12.84
C ARG A 52 13.00 16.16 -13.28
N GLU A 53 14.23 15.66 -13.39
CA GLU A 53 14.43 14.31 -13.97
C GLU A 53 13.85 13.26 -13.04
N ILE A 54 13.90 13.47 -11.72
CA ILE A 54 13.35 12.46 -10.83
C ILE A 54 11.82 12.48 -10.89
N THR A 55 11.22 13.65 -10.98
CA THR A 55 9.79 13.77 -10.72
C THR A 55 8.99 13.73 -12.01
N MET A 56 9.60 14.02 -13.16
CA MET A 56 8.81 14.14 -14.42
CA MET A 56 8.83 14.12 -14.43
C MET A 56 8.01 12.87 -14.71
N GLY A 57 6.75 13.08 -15.11
CA GLY A 57 5.82 11.99 -15.41
C GLY A 57 5.17 11.38 -14.23
N HIS A 58 5.57 11.75 -12.99
CA HIS A 58 4.99 11.17 -11.76
C HIS A 58 4.13 12.19 -11.03
N THR A 59 3.60 11.79 -9.91
CA THR A 59 2.83 12.68 -9.03
C THR A 59 3.76 13.41 -8.09
N ILE A 60 3.57 14.70 -7.90
CA ILE A 60 4.25 15.43 -6.87
C ILE A 60 3.25 15.89 -5.85
N VAL A 61 3.61 15.82 -4.59
CA VAL A 61 2.77 16.22 -3.50
C VAL A 61 3.45 17.33 -2.73
N MET A 62 2.71 18.39 -2.45
CA MET A 62 3.22 19.46 -1.63
C MET A 62 2.17 19.93 -0.64
N GLY A 63 2.62 20.58 0.42
CA GLY A 63 1.70 21.18 1.35
C GLY A 63 1.13 22.50 0.74
N ARG A 64 0.00 22.96 1.33
CA ARG A 64 -0.64 24.14 0.82
C ARG A 64 0.28 25.36 0.93
N ARG A 65 1.07 25.46 2.03
CA ARG A 65 1.92 26.65 2.16
C ARG A 65 2.99 26.62 1.04
N THR A 66 3.54 25.47 0.69
CA THR A 66 4.48 25.34 -0.41
C THR A 66 3.85 25.78 -1.71
N TRP A 67 2.64 25.26 -1.99
CA TRP A 67 1.92 25.76 -3.20
C TRP A 67 1.81 27.30 -3.24
N ASP A 68 1.36 27.86 -2.11
CA ASP A 68 1.17 29.32 -2.00
C ASP A 68 2.47 30.05 -2.21
N SER A 69 3.59 29.45 -1.90
CA SER A 69 4.91 30.11 -2.14
C SER A 69 5.40 30.16 -3.56
N LEU A 70 4.88 29.26 -4.38
CA LEU A 70 5.30 29.21 -5.80
C LEU A 70 4.75 30.42 -6.57
N PRO A 71 5.48 30.88 -7.57
CA PRO A 71 4.94 32.00 -8.42
C PRO A 71 3.72 31.55 -9.15
N ALA A 72 2.77 32.46 -9.27
CA ALA A 72 1.48 32.15 -9.89
C ALA A 72 1.55 31.58 -11.27
N LYS A 73 2.56 31.99 -12.05
CA LYS A 73 2.70 31.53 -13.41
C LYS A 73 3.63 30.35 -13.53
N VAL A 74 4.12 29.81 -12.38
CA VAL A 74 4.99 28.64 -12.41
C VAL A 74 4.23 27.37 -11.99
N ARG A 75 3.33 27.56 -11.04
CA ARG A 75 2.47 26.47 -10.51
C ARG A 75 1.25 26.28 -11.40
N PRO A 76 0.79 25.04 -11.64
CA PRO A 76 1.40 23.75 -11.25
C PRO A 76 2.66 23.48 -12.11
N LEU A 77 3.59 22.72 -11.53
CA LEU A 77 4.82 22.32 -12.23
C LEU A 77 4.44 21.38 -13.40
N PRO A 78 4.87 21.67 -14.63
CA PRO A 78 4.31 20.97 -15.80
C PRO A 78 4.81 19.54 -15.89
N GLY A 79 4.03 18.70 -16.52
CA GLY A 79 4.38 17.33 -16.81
C GLY A 79 4.24 16.34 -15.67
N ARG A 80 3.70 16.79 -14.56
CA ARG A 80 3.49 16.05 -13.36
C ARG A 80 2.12 16.30 -12.85
N ARG A 81 1.53 15.27 -12.23
CA ARG A 81 0.26 15.38 -11.53
C ARG A 81 0.54 16.11 -10.24
N ASN A 82 0.11 17.37 -10.10
CA ASN A 82 0.39 18.10 -8.85
C ASN A 82 -0.77 17.91 -7.84
N VAL A 83 -0.37 17.59 -6.61
CA VAL A 83 -1.33 17.36 -5.51
C VAL A 83 -0.99 18.31 -4.42
N VAL A 84 -1.95 19.02 -3.84
CA VAL A 84 -1.75 19.98 -2.74
C VAL A 84 -2.55 19.43 -1.56
N LEU A 85 -1.87 19.29 -0.43
CA LEU A 85 -2.51 18.87 0.81
C LEU A 85 -2.98 20.09 1.56
N SER A 86 -4.27 20.10 1.91
CA SER A 86 -4.83 21.19 2.69
C SER A 86 -6.03 20.71 3.46
N ARG A 87 -6.35 21.34 4.58
CA ARG A 87 -7.61 21.02 5.31
C ARG A 87 -8.78 21.85 4.75
N GLN A 88 -8.52 22.73 3.79
CA GLN A 88 -9.55 23.68 3.33
C GLN A 88 -10.14 23.11 2.04
N ALA A 89 -11.36 22.59 2.10
CA ALA A 89 -12.08 22.03 0.97
C ALA A 89 -12.23 23.06 -0.14
N ASP A 90 -12.34 24.37 0.18
CA ASP A 90 -12.56 25.37 -0.85
C ASP A 90 -11.30 25.85 -1.46
N PHE A 91 -10.16 25.26 -1.08
CA PHE A 91 -8.87 25.85 -1.57
C PHE A 91 -8.76 25.78 -3.09
N MET A 92 -8.37 26.88 -3.70
CA MET A 92 -8.21 26.90 -5.10
C MET A 92 -6.75 26.63 -5.47
N ALA A 93 -6.48 25.56 -6.20
CA ALA A 93 -5.07 25.27 -6.64
C ALA A 93 -5.26 25.02 -8.11
N SER A 94 -5.27 26.09 -8.94
CA SER A 94 -5.61 26.00 -10.36
C SER A 94 -4.59 25.09 -11.01
N GLY A 95 -5.05 24.06 -11.74
CA GLY A 95 -4.21 23.11 -12.43
C GLY A 95 -3.72 21.93 -11.62
N ALA A 96 -4.07 21.91 -10.32
CA ALA A 96 -3.69 20.78 -9.45
C ALA A 96 -4.95 20.18 -8.81
N GLU A 97 -4.79 19.15 -7.99
CA GLU A 97 -5.84 18.59 -7.22
C GLU A 97 -5.58 18.85 -5.80
N VAL A 98 -6.63 19.02 -4.99
CA VAL A 98 -6.46 19.21 -3.56
C VAL A 98 -6.95 18.01 -2.75
N VAL A 99 -6.14 17.51 -1.81
CA VAL A 99 -6.56 16.36 -0.99
C VAL A 99 -6.53 16.88 0.43
N GLY A 100 -7.32 16.25 1.29
CA GLY A 100 -7.47 16.64 2.71
C GLY A 100 -6.79 15.69 3.68
N SER A 101 -6.12 14.68 3.17
CA SER A 101 -5.30 13.75 4.00
C SER A 101 -4.12 13.33 3.15
N LEU A 102 -3.03 12.94 3.80
CA LEU A 102 -1.86 12.57 2.97
C LEU A 102 -2.11 11.25 2.25
N GLU A 103 -2.85 10.36 2.92
CA GLU A 103 -3.00 9.01 2.39
C GLU A 103 -3.69 9.11 1.05
N GLU A 104 -4.65 10.04 0.94
CA GLU A 104 -5.23 10.28 -0.36
C GLU A 104 -4.25 10.77 -1.46
N ALA A 105 -3.27 11.56 -0.99
CA ALA A 105 -2.21 12.10 -1.83
C ALA A 105 -1.26 11.00 -2.38
N LEU A 106 -1.35 9.74 -1.92
CA LEU A 106 -0.46 8.64 -2.27
C LEU A 106 -1.12 7.54 -3.05
N THR A 107 -2.29 7.82 -3.59
CA THR A 107 -3.02 6.83 -4.37
C THR A 107 -2.37 6.59 -5.69
N SER A 108 -1.48 7.50 -6.11
CA SER A 108 -0.80 7.40 -7.40
CA SER A 108 -0.80 7.39 -7.39
CA SER A 108 -0.87 7.33 -7.41
C SER A 108 0.15 6.20 -7.42
N PRO A 109 0.54 5.74 -8.64
CA PRO A 109 1.52 4.64 -8.60
C PRO A 109 2.94 5.06 -8.18
N GLU A 110 3.29 6.29 -8.44
CA GLU A 110 4.61 6.80 -8.00
C GLU A 110 4.49 8.26 -7.62
N THR A 111 4.81 8.57 -6.36
CA THR A 111 4.59 9.84 -5.77
C THR A 111 5.88 10.38 -5.14
N TRP A 112 6.22 11.62 -5.45
CA TRP A 112 7.37 12.34 -4.86
C TRP A 112 6.85 13.46 -4.00
N VAL A 113 7.19 13.47 -2.72
CA VAL A 113 6.83 14.56 -1.78
C VAL A 113 7.95 15.59 -1.86
N ILE A 114 7.55 16.83 -2.11
CA ILE A 114 8.53 17.88 -2.43
C ILE A 114 8.64 18.95 -1.38
N GLY A 115 7.85 18.87 -0.29
CA GLY A 115 7.87 19.83 0.79
C GLY A 115 6.47 20.26 1.19
N GLY A 116 6.36 21.05 2.25
CA GLY A 116 7.45 21.49 3.13
C GLY A 116 7.60 20.59 4.33
N GLY A 117 8.08 21.16 5.43
CA GLY A 117 8.39 20.32 6.59
C GLY A 117 7.20 19.56 7.17
N GLN A 118 6.01 20.19 7.15
CA GLN A 118 4.87 19.48 7.73
C GLN A 118 4.54 18.23 6.88
N VAL A 119 4.53 18.39 5.57
CA VAL A 119 4.27 17.27 4.68
C VAL A 119 5.37 16.20 4.71
N TYR A 120 6.62 16.61 4.78
CA TYR A 120 7.71 15.58 4.88
C TYR A 120 7.45 14.71 6.13
N ALA A 121 7.12 15.35 7.25
CA ALA A 121 6.95 14.63 8.54
C ALA A 121 5.76 13.64 8.38
N LEU A 122 4.67 14.05 7.72
CA LEU A 122 3.53 13.11 7.47
C LEU A 122 3.87 12.00 6.58
N ALA A 123 4.69 12.32 5.57
CA ALA A 123 4.96 11.36 4.53
C ALA A 123 6.08 10.34 4.85
N LEU A 124 7.03 10.72 5.71
CA LEU A 124 8.19 9.89 5.97
C LEU A 124 7.85 8.42 6.32
N PRO A 125 6.82 8.15 7.15
CA PRO A 125 6.45 6.75 7.45
C PRO A 125 6.01 5.92 6.22
N TYR A 126 5.46 6.52 5.16
CA TYR A 126 5.13 5.82 3.91
C TYR A 126 6.26 5.68 2.98
N ALA A 127 7.27 6.52 3.16
CA ALA A 127 8.32 6.58 2.13
C ALA A 127 9.24 5.39 2.15
N THR A 128 9.60 4.96 0.95
CA THR A 128 10.56 3.90 0.74
C THR A 128 11.74 4.33 -0.08
N ARG A 129 11.74 5.56 -0.60
CA ARG A 129 12.89 6.12 -1.32
C ARG A 129 13.08 7.57 -0.90
N CYS A 130 14.34 7.99 -0.79
CA CYS A 130 14.72 9.40 -0.72
C CYS A 130 15.72 9.73 -1.80
N GLU A 131 15.55 10.86 -2.47
CA GLU A 131 16.52 11.34 -3.47
C GLU A 131 16.93 12.67 -2.99
N VAL A 132 18.19 12.78 -2.52
CA VAL A 132 18.67 13.98 -1.84
C VAL A 132 19.76 14.62 -2.64
N THR A 133 19.84 15.96 -2.65
CA THR A 133 20.99 16.71 -3.16
C THR A 133 21.62 17.34 -1.96
N GLU A 134 22.89 16.98 -1.68
CA GLU A 134 23.66 17.70 -0.63
C GLU A 134 24.50 18.77 -1.36
N VAL A 135 24.28 20.02 -0.86
CA VAL A 135 25.06 21.17 -1.35
C VAL A 135 26.22 21.39 -0.39
N ASP A 136 27.44 21.47 -0.95
CA ASP A 136 28.63 21.72 -0.08
C ASP A 136 28.72 23.19 0.26
N ILE A 137 28.00 23.54 1.35
CA ILE A 137 27.95 24.93 1.83
C ILE A 137 27.74 24.80 3.33
N GLY A 138 28.52 25.62 4.06
CA GLY A 138 28.54 25.58 5.53
C GLY A 138 27.53 26.58 6.12
N LEU A 139 26.35 26.12 6.49
CA LEU A 139 25.22 26.91 7.04
CA LEU A 139 25.23 26.91 7.04
C LEU A 139 24.75 26.27 8.30
N PRO A 140 25.45 26.50 9.43
CA PRO A 140 24.90 25.96 10.68
C PRO A 140 23.46 26.35 10.93
N ARG A 141 22.73 25.35 11.47
CA ARG A 141 21.28 25.63 11.61
C ARG A 141 21.02 26.83 12.50
N GLU A 142 19.98 27.55 12.16
CA GLU A 142 19.50 28.71 12.94
C GLU A 142 18.02 28.48 13.29
N ALA A 143 17.58 29.10 14.38
CA ALA A 143 16.12 29.06 14.70
C ALA A 143 15.38 29.60 13.46
N GLY A 144 14.30 28.92 13.09
CA GLY A 144 13.51 29.37 11.95
C GLY A 144 13.84 28.61 10.66
N ASP A 145 14.99 27.97 10.57
CA ASP A 145 15.37 27.28 9.33
C ASP A 145 14.41 26.13 9.10
N ALA A 146 14.17 25.87 7.81
CA ALA A 146 13.54 24.63 7.40
C ALA A 146 14.63 23.58 7.31
N LEU A 147 14.33 22.39 7.84
CA LEU A 147 15.31 21.32 7.98
C LEU A 147 14.93 20.04 7.25
N ALA A 148 15.96 19.31 6.77
CA ALA A 148 15.75 18.05 6.09
C ALA A 148 15.10 17.02 7.00
N PRO A 149 14.33 16.11 6.46
CA PRO A 149 13.91 14.86 7.18
C PRO A 149 15.11 14.10 7.67
N VAL A 150 15.00 13.46 8.85
CA VAL A 150 16.10 12.72 9.47
C VAL A 150 15.89 11.25 9.25
N LEU A 151 16.86 10.57 8.60
CA LEU A 151 16.78 9.08 8.35
C LEU A 151 17.40 8.34 9.53
N ASP A 152 17.69 7.05 9.31
CA ASP A 152 18.29 6.21 10.35
C ASP A 152 18.99 5.05 9.62
N GLU A 153 19.49 4.10 10.43
CA GLU A 153 20.36 3.00 9.88
C GLU A 153 19.57 1.92 9.16
N THR A 154 18.26 2.01 9.15
CA THR A 154 17.40 1.06 8.35
C THR A 154 17.27 1.56 6.89
N TRP A 155 17.58 2.85 6.60
CA TRP A 155 17.70 3.31 5.20
C TRP A 155 19.07 2.91 4.66
N ARG A 156 19.15 2.54 3.37
CA ARG A 156 20.44 2.16 2.76
C ARG A 156 20.49 2.66 1.37
N GLY A 157 21.74 2.86 0.85
CA GLY A 157 21.83 3.15 -0.59
C GLY A 157 23.12 3.88 -0.86
N GLU A 158 23.15 4.69 -1.91
CA GLU A 158 24.36 5.23 -2.51
C GLU A 158 24.50 6.73 -2.22
N THR A 159 25.66 7.12 -1.72
CA THR A 159 26.06 8.51 -1.60
C THR A 159 27.06 8.77 -2.72
N GLY A 160 26.68 9.63 -3.68
CA GLY A 160 27.46 9.76 -4.94
C GLY A 160 28.67 10.72 -4.71
N GLU A 161 29.48 10.78 -5.73
CA GLU A 161 30.67 11.60 -5.67
C GLU A 161 30.36 13.10 -5.80
N TRP A 162 31.16 13.95 -5.18
CA TRP A 162 31.08 15.42 -5.36
C TRP A 162 31.32 15.85 -6.77
N ARG A 163 30.56 16.82 -7.28
CA ARG A 163 30.90 17.40 -8.54
CA ARG A 163 30.99 17.43 -8.49
C ARG A 163 30.69 18.92 -8.49
N PHE A 164 31.33 19.62 -9.38
CA PHE A 164 31.13 21.05 -9.48
C PHE A 164 29.99 21.39 -10.38
N SER A 165 29.13 22.28 -9.96
CA SER A 165 28.17 22.90 -10.82
C SER A 165 28.89 23.87 -11.74
N ARG A 166 28.18 24.44 -12.72
CA ARG A 166 28.82 25.39 -13.59
C ARG A 166 29.31 26.57 -12.79
N SER A 167 28.64 26.98 -11.72
CA SER A 167 29.09 28.15 -10.95
C SER A 167 30.29 27.84 -10.05
N GLY A 168 30.67 26.54 -9.83
CA GLY A 168 31.67 26.18 -8.90
C GLY A 168 31.13 25.68 -7.54
N LEU A 169 29.85 25.85 -7.26
CA LEU A 169 29.22 25.27 -6.06
C LEU A 169 29.26 23.74 -6.18
N ARG A 170 29.69 23.05 -5.15
CA ARG A 170 29.80 21.59 -5.27
C ARG A 170 28.57 20.92 -4.71
N TYR A 171 28.16 19.79 -5.27
CA TYR A 171 26.99 19.08 -4.78
C TYR A 171 27.19 17.58 -5.01
N ARG A 172 26.42 16.73 -4.31
CA ARG A 172 26.45 15.29 -4.57
C ARG A 172 25.05 14.80 -4.31
N LEU A 173 24.77 13.61 -4.79
CA LEU A 173 23.44 13.05 -4.74
C LEU A 173 23.32 11.82 -3.84
N TYR A 174 22.28 11.72 -2.98
CA TYR A 174 22.02 10.50 -2.26
C TYR A 174 20.83 9.81 -2.91
N SER A 175 20.88 8.47 -3.01
CA SER A 175 19.71 7.68 -3.45
CA SER A 175 19.72 7.67 -3.47
C SER A 175 19.57 6.56 -2.44
N TYR A 176 18.63 6.73 -1.52
CA TYR A 176 18.41 5.79 -0.46
C TYR A 176 17.08 5.15 -0.54
N HIS A 177 16.92 4.01 0.12
CA HIS A 177 15.73 3.14 0.02
C HIS A 177 15.61 2.32 1.26
N ARG A 178 14.40 1.79 1.47
CA ARG A 178 14.14 0.80 2.51
C ARG A 178 12.94 0.03 2.01
N SER A 179 12.67 -1.10 2.62
CA SER A 179 11.54 -1.92 2.27
C SER A 179 10.26 -1.20 2.80
N SER B 19 3.86 -2.70 -3.88
CA SER B 19 2.45 -3.13 -4.18
C SER B 19 1.85 -4.25 -3.30
N HIS B 20 0.53 -4.24 -3.12
CA HIS B 20 -0.10 -5.02 -2.03
C HIS B 20 -1.55 -5.35 -2.24
N MET B 21 -1.79 -6.38 -3.01
CA MET B 21 -3.12 -6.69 -3.48
C MET B 21 -3.75 -7.60 -2.43
N VAL B 22 -4.82 -7.19 -1.78
CA VAL B 22 -5.50 -8.04 -0.83
C VAL B 22 -6.80 -8.53 -1.46
N GLY B 23 -6.96 -9.83 -1.49
CA GLY B 23 -8.15 -10.51 -1.98
C GLY B 23 -8.81 -11.33 -0.93
N LEU B 24 -10.09 -11.56 -1.05
CA LEU B 24 -10.79 -12.47 -0.22
C LEU B 24 -11.25 -13.64 -1.09
N ILE B 25 -11.21 -14.88 -0.54
CA ILE B 25 -11.68 -16.04 -1.31
C ILE B 25 -12.52 -16.88 -0.36
N TRP B 26 -13.73 -17.25 -0.85
CA TRP B 26 -14.59 -18.14 -0.07
C TRP B 26 -15.51 -18.91 -0.96
N ALA B 27 -16.15 -19.95 -0.42
CA ALA B 27 -17.18 -20.75 -1.10
C ALA B 27 -18.44 -20.63 -0.25
N GLN B 28 -19.57 -20.30 -0.93
CA GLN B 28 -20.87 -20.13 -0.22
C GLN B 28 -21.99 -20.87 -0.86
N ALA B 29 -23.00 -21.35 -0.11
CA ALA B 29 -24.30 -21.66 -0.74
C ALA B 29 -24.94 -20.36 -1.22
N THR B 30 -25.99 -20.51 -2.03
CA THR B 30 -26.74 -19.33 -2.47
C THR B 30 -27.20 -18.42 -1.29
N SER B 31 -27.54 -19.01 -0.15
CA SER B 31 -27.98 -18.21 1.01
C SER B 31 -26.88 -17.40 1.72
N GLY B 32 -25.63 -17.76 1.44
CA GLY B 32 -24.54 -17.15 2.10
C GLY B 32 -23.93 -18.07 3.18
N VAL B 33 -24.39 -19.28 3.38
CA VAL B 33 -23.76 -20.18 4.35
C VAL B 33 -22.39 -20.59 3.80
N ILE B 34 -21.32 -20.44 4.60
CA ILE B 34 -19.98 -20.94 4.24
C ILE B 34 -19.47 -22.06 5.13
N GLY B 35 -20.12 -22.26 6.28
CA GLY B 35 -19.65 -23.33 7.19
C GLY B 35 -20.81 -23.74 8.06
N ARG B 36 -20.91 -25.03 8.36
CA ARG B 36 -21.87 -25.52 9.34
C ARG B 36 -21.21 -26.61 10.21
N GLY B 37 -21.29 -26.44 11.54
CA GLY B 37 -20.45 -27.31 12.43
C GLY B 37 -18.94 -27.42 12.20
N GLY B 38 -18.39 -26.35 11.61
CA GLY B 38 -16.94 -26.24 11.40
C GLY B 38 -16.58 -26.75 10.02
N ASP B 39 -17.56 -27.28 9.25
CA ASP B 39 -17.29 -27.90 7.98
C ASP B 39 -17.89 -27.09 6.83
N ILE B 40 -17.22 -27.10 5.69
CA ILE B 40 -17.85 -26.61 4.46
C ILE B 40 -18.94 -27.65 4.25
N PRO B 41 -20.22 -27.25 4.02
CA PRO B 41 -21.32 -28.18 4.07
C PRO B 41 -21.67 -28.85 2.75
N TRP B 42 -20.70 -29.14 1.96
CA TRP B 42 -20.80 -29.87 0.72
C TRP B 42 -19.40 -30.38 0.37
N ARG B 43 -19.32 -31.21 -0.68
CA ARG B 43 -18.05 -31.68 -1.24
C ARG B 43 -17.95 -31.19 -2.69
N LEU B 44 -16.91 -30.51 -3.04
CA LEU B 44 -16.74 -29.91 -4.33
C LEU B 44 -15.26 -29.90 -4.72
N PRO B 45 -14.80 -30.97 -5.36
CA PRO B 45 -13.40 -30.99 -5.76
C PRO B 45 -12.97 -29.85 -6.66
N GLU B 46 -13.84 -29.39 -7.57
CA GLU B 46 -13.56 -28.25 -8.40
C GLU B 46 -13.26 -26.99 -7.60
N ASP B 47 -13.87 -26.89 -6.40
CA ASP B 47 -13.60 -25.71 -5.60
C ASP B 47 -12.22 -25.82 -4.98
N GLN B 48 -11.78 -27.03 -4.59
CA GLN B 48 -10.38 -27.23 -4.14
C GLN B 48 -9.42 -26.85 -5.21
N ALA B 49 -9.71 -27.24 -6.44
CA ALA B 49 -8.82 -26.92 -7.56
C ALA B 49 -8.79 -25.39 -7.82
N HIS B 50 -9.92 -24.74 -7.80
CA HIS B 50 -9.97 -23.32 -8.03
C HIS B 50 -9.27 -22.54 -6.90
N PHE B 51 -9.44 -23.01 -5.64
CA PHE B 51 -8.76 -22.33 -4.53
C PHE B 51 -7.25 -22.38 -4.74
N ARG B 52 -6.72 -23.53 -5.10
CA ARG B 52 -5.26 -23.56 -5.52
C ARG B 52 -4.93 -22.67 -6.68
N GLU B 53 -5.76 -22.70 -7.71
CA GLU B 53 -5.44 -21.85 -8.84
C GLU B 53 -5.27 -20.41 -8.47
N ILE B 54 -6.13 -19.91 -7.56
CA ILE B 54 -6.02 -18.52 -7.17
C ILE B 54 -4.89 -18.30 -6.14
N THR B 55 -4.71 -19.20 -5.14
CA THR B 55 -3.77 -18.90 -4.03
C THR B 55 -2.34 -19.35 -4.23
N MET B 56 -2.09 -20.39 -5.05
CA MET B 56 -0.73 -20.94 -5.14
C MET B 56 0.28 -19.90 -5.49
N GLY B 57 1.39 -19.95 -4.79
CA GLY B 57 2.51 -18.96 -5.06
C GLY B 57 2.29 -17.66 -4.40
N HIS B 58 1.25 -17.49 -3.62
CA HIS B 58 0.96 -16.15 -2.94
C HIS B 58 0.90 -16.36 -1.43
N THR B 59 0.66 -15.27 -0.70
CA THR B 59 0.43 -15.40 0.75
C THR B 59 -1.02 -15.73 0.99
N ILE B 60 -1.29 -16.61 1.93
CA ILE B 60 -2.62 -16.86 2.48
C ILE B 60 -2.67 -16.42 3.94
N VAL B 61 -3.70 -15.69 4.31
CA VAL B 61 -3.92 -15.20 5.66
C VAL B 61 -5.14 -15.88 6.21
N MET B 62 -5.00 -16.36 7.44
CA MET B 62 -6.13 -17.03 8.10
C MET B 62 -6.14 -16.64 9.56
N GLY B 63 -7.31 -16.64 10.21
CA GLY B 63 -7.38 -16.50 11.69
C GLY B 63 -6.89 -17.75 12.35
N ARG B 64 -6.59 -17.54 13.65
CA ARG B 64 -6.03 -18.63 14.43
C ARG B 64 -7.04 -19.79 14.56
N ARG B 65 -8.34 -19.54 14.62
CA ARG B 65 -9.26 -20.66 14.72
C ARG B 65 -9.29 -21.46 13.42
N THR B 66 -9.18 -20.79 12.28
CA THR B 66 -9.12 -21.49 11.01
C THR B 66 -7.86 -22.35 10.94
N TRP B 67 -6.70 -21.83 11.34
CA TRP B 67 -5.47 -22.64 11.39
C TRP B 67 -5.67 -23.83 12.33
N ASP B 68 -6.29 -23.64 13.46
CA ASP B 68 -6.48 -24.73 14.46
C ASP B 68 -7.37 -25.79 13.85
N SER B 69 -8.26 -25.42 12.94
CA SER B 69 -9.28 -26.36 12.38
C SER B 69 -8.67 -27.22 11.32
N LEU B 70 -7.54 -26.78 10.74
CA LEU B 70 -6.85 -27.64 9.70
C LEU B 70 -6.18 -28.82 10.37
N PRO B 71 -6.26 -30.01 9.73
CA PRO B 71 -5.53 -31.16 10.33
C PRO B 71 -4.05 -30.84 10.46
N ALA B 72 -3.40 -31.37 11.50
CA ALA B 72 -1.95 -31.20 11.69
C ALA B 72 -1.17 -31.66 10.43
N LYS B 73 -1.62 -32.71 9.76
CA LYS B 73 -0.96 -33.29 8.54
C LYS B 73 -0.96 -32.34 7.37
N VAL B 74 -1.87 -31.37 7.38
CA VAL B 74 -2.19 -30.61 6.19
C VAL B 74 -1.65 -29.14 6.23
N ARG B 75 -1.44 -28.64 7.44
CA ARG B 75 -0.98 -27.26 7.67
C ARG B 75 0.49 -27.25 7.88
N PRO B 76 1.24 -26.26 7.37
CA PRO B 76 0.74 -25.17 6.53
C PRO B 76 0.39 -25.67 5.12
N LEU B 77 -0.53 -24.96 4.48
CA LEU B 77 -0.88 -25.41 3.11
C LEU B 77 0.37 -25.19 2.24
N PRO B 78 0.74 -26.17 1.39
CA PRO B 78 2.02 -26.07 0.65
C PRO B 78 2.03 -25.04 -0.45
N GLY B 79 3.21 -24.52 -0.73
CA GLY B 79 3.42 -23.67 -1.92
C GLY B 79 2.93 -22.25 -1.75
N ARG B 80 2.55 -21.84 -0.49
CA ARG B 80 2.04 -20.50 -0.18
C ARG B 80 2.69 -20.11 1.16
N ARG B 81 2.98 -18.83 1.29
CA ARG B 81 3.41 -18.25 2.56
C ARG B 81 2.18 -18.18 3.48
N ASN B 82 2.12 -19.04 4.50
CA ASN B 82 0.93 -19.04 5.42
C ASN B 82 1.16 -18.06 6.56
N VAL B 83 0.14 -17.23 6.79
CA VAL B 83 0.14 -16.24 7.82
C VAL B 83 -1.07 -16.48 8.69
N VAL B 84 -0.81 -16.60 10.01
CA VAL B 84 -1.89 -16.83 10.99
C VAL B 84 -1.98 -15.62 11.86
N LEU B 85 -3.18 -15.05 11.89
CA LEU B 85 -3.46 -13.93 12.84
CA LEU B 85 -3.46 -13.93 12.84
C LEU B 85 -3.81 -14.46 14.21
N SER B 86 -3.09 -14.00 15.22
CA SER B 86 -3.44 -14.32 16.63
C SER B 86 -3.03 -13.14 17.44
N ARG B 87 -3.78 -12.93 18.56
CA ARG B 87 -3.40 -11.94 19.58
C ARG B 87 -2.59 -12.60 20.71
N GLN B 88 -2.35 -13.92 20.63
CA GLN B 88 -1.58 -14.60 21.64
CA GLN B 88 -1.55 -14.66 21.61
C GLN B 88 -0.12 -14.63 21.23
N ALA B 89 0.72 -13.87 21.95
CA ALA B 89 2.12 -13.70 21.52
C ALA B 89 2.88 -14.98 21.50
N ASP B 90 2.51 -16.01 22.26
CA ASP B 90 3.32 -17.26 22.29
C ASP B 90 2.66 -18.38 21.48
N PHE B 91 1.72 -18.03 20.59
CA PHE B 91 1.02 -19.07 19.82
C PHE B 91 1.98 -19.76 18.90
N MET B 92 1.91 -21.05 18.83
CA MET B 92 2.74 -21.84 17.92
C MET B 92 1.97 -22.28 16.71
N ALA B 93 2.46 -21.92 15.53
CA ALA B 93 1.86 -22.37 14.20
C ALA B 93 3.03 -22.87 13.39
N SER B 94 3.34 -24.15 13.55
CA SER B 94 4.50 -24.76 12.89
C SER B 94 4.50 -24.61 11.35
N GLY B 95 5.52 -23.98 10.77
CA GLY B 95 5.57 -23.83 9.32
C GLY B 95 4.93 -22.56 8.81
N ALA B 96 4.31 -21.77 9.70
CA ALA B 96 3.63 -20.53 9.32
C ALA B 96 4.23 -19.37 10.16
N GLU B 97 3.93 -18.12 9.83
CA GLU B 97 4.26 -17.05 10.71
C GLU B 97 3.02 -16.54 11.42
N VAL B 98 3.20 -16.08 12.61
CA VAL B 98 2.06 -15.56 13.41
C VAL B 98 2.20 -14.06 13.55
N VAL B 99 1.12 -13.34 13.19
CA VAL B 99 1.12 -11.87 13.19
C VAL B 99 0.02 -11.36 14.04
N GLY B 100 0.27 -10.29 14.78
CA GLY B 100 -0.60 -9.80 15.85
C GLY B 100 -1.52 -8.67 15.39
N SER B 101 -1.44 -8.27 14.12
CA SER B 101 -2.33 -7.23 13.59
C SER B 101 -2.61 -7.54 12.17
N LEU B 102 -3.79 -7.10 11.78
CA LEU B 102 -4.21 -7.27 10.39
C LEU B 102 -3.26 -6.58 9.42
N GLU B 103 -2.85 -5.32 9.71
CA GLU B 103 -2.12 -4.57 8.73
C GLU B 103 -0.78 -5.21 8.46
N GLU B 104 -0.11 -5.75 9.48
CA GLU B 104 1.13 -6.39 9.29
C GLU B 104 0.94 -7.63 8.39
N ALA B 105 -0.19 -8.36 8.50
CA ALA B 105 -0.43 -9.58 7.70
C ALA B 105 -0.68 -9.28 6.26
N LEU B 106 -0.86 -7.98 5.90
CA LEU B 106 -1.24 -7.63 4.50
C LEU B 106 -0.07 -6.98 3.80
N THR B 107 1.15 -7.24 4.29
CA THR B 107 2.34 -6.60 3.70
C THR B 107 3.00 -7.34 2.52
N SER B 108 2.56 -8.56 2.26
CA SER B 108 3.02 -9.35 1.10
C SER B 108 2.64 -8.66 -0.23
N PRO B 109 3.27 -9.02 -1.35
CA PRO B 109 2.82 -8.43 -2.64
C PRO B 109 1.38 -8.86 -3.07
N GLU B 110 0.98 -10.09 -2.72
CA GLU B 110 -0.38 -10.55 -3.05
C GLU B 110 -0.83 -11.47 -1.93
N THR B 111 -1.97 -11.10 -1.30
CA THR B 111 -2.44 -11.82 -0.17
C THR B 111 -3.88 -12.23 -0.35
N TRP B 112 -4.19 -13.50 -0.06
CA TRP B 112 -5.57 -14.00 -0.10
C TRP B 112 -6.01 -14.38 1.28
N VAL B 113 -7.10 -13.77 1.75
CA VAL B 113 -7.67 -14.09 3.04
C VAL B 113 -8.66 -15.22 2.91
N ILE B 114 -8.44 -16.31 3.70
CA ILE B 114 -9.13 -17.56 3.45
C ILE B 114 -10.11 -17.89 4.58
N GLY B 115 -10.20 -17.07 5.64
CA GLY B 115 -11.17 -17.31 6.74
C GLY B 115 -10.55 -16.90 8.05
N GLY B 116 -11.29 -16.85 9.16
CA GLY B 116 -12.74 -17.07 9.23
C GLY B 116 -13.49 -15.80 9.23
N GLY B 117 -14.63 -15.82 9.95
CA GLY B 117 -15.51 -14.62 9.97
C GLY B 117 -14.88 -13.39 10.55
N GLN B 118 -14.20 -13.56 11.68
CA GLN B 118 -13.56 -12.45 12.35
C GLN B 118 -12.56 -11.76 11.38
N VAL B 119 -11.77 -12.57 10.67
CA VAL B 119 -10.75 -12.07 9.73
C VAL B 119 -11.37 -11.48 8.50
N TYR B 120 -12.36 -12.14 7.90
CA TYR B 120 -13.04 -11.50 6.74
C TYR B 120 -13.58 -10.13 7.13
N ALA B 121 -14.19 -10.02 8.31
CA ALA B 121 -14.86 -8.75 8.69
C ALA B 121 -13.83 -7.57 8.70
N LEU B 122 -12.65 -7.86 9.27
CA LEU B 122 -11.66 -6.83 9.45
C LEU B 122 -10.92 -6.60 8.12
N ALA B 123 -10.76 -7.65 7.27
CA ALA B 123 -9.99 -7.51 6.04
C ALA B 123 -10.80 -6.91 4.91
N LEU B 124 -12.12 -7.05 4.96
CA LEU B 124 -12.94 -6.56 3.85
C LEU B 124 -12.62 -5.14 3.38
N PRO B 125 -12.51 -4.16 4.32
CA PRO B 125 -12.16 -2.80 3.81
C PRO B 125 -10.88 -2.70 2.97
N TYR B 126 -9.87 -3.54 3.22
CA TYR B 126 -8.62 -3.52 2.47
C TYR B 126 -8.68 -4.21 1.14
N ALA B 127 -9.72 -5.03 0.96
CA ALA B 127 -9.78 -5.94 -0.19
C ALA B 127 -10.10 -5.16 -1.46
N THR B 128 -9.45 -5.57 -2.57
CA THR B 128 -9.75 -5.07 -3.92
C THR B 128 -10.08 -6.16 -4.90
N ARG B 129 -10.07 -7.43 -4.44
CA ARG B 129 -10.56 -8.55 -5.24
C ARG B 129 -11.33 -9.50 -4.33
N CYS B 130 -12.33 -10.19 -4.91
CA CYS B 130 -12.97 -11.33 -4.29
C CYS B 130 -13.09 -12.42 -5.29
N GLU B 131 -12.77 -13.67 -4.89
CA GLU B 131 -12.98 -14.85 -5.73
C GLU B 131 -13.94 -15.69 -4.94
N VAL B 132 -15.10 -15.94 -5.48
CA VAL B 132 -16.15 -16.68 -4.74
C VAL B 132 -16.56 -17.87 -5.55
N THR B 133 -16.84 -18.98 -4.89
CA THR B 133 -17.56 -20.10 -5.54
C THR B 133 -18.94 -20.08 -4.90
N GLU B 134 -19.98 -19.92 -5.74
CA GLU B 134 -21.36 -20.07 -5.26
C GLU B 134 -21.82 -21.50 -5.63
N VAL B 135 -22.25 -22.27 -4.62
CA VAL B 135 -22.76 -23.60 -4.81
C VAL B 135 -24.29 -23.51 -4.84
N ASP B 136 -24.88 -24.04 -5.92
CA ASP B 136 -26.32 -24.06 -6.05
C ASP B 136 -27.01 -25.09 -5.17
N ILE B 137 -27.07 -24.71 -3.92
CA ILE B 137 -27.74 -25.46 -2.89
C ILE B 137 -28.58 -24.49 -2.07
N GLY B 138 -29.84 -24.86 -1.78
CA GLY B 138 -30.68 -24.03 -1.01
C GLY B 138 -30.66 -24.32 0.44
N LEU B 139 -29.54 -24.11 1.10
CA LEU B 139 -29.27 -24.37 2.51
C LEU B 139 -29.59 -23.10 3.34
N PRO B 140 -30.74 -22.99 3.94
CA PRO B 140 -31.08 -21.74 4.64
C PRO B 140 -30.13 -21.49 5.83
N ARG B 141 -29.80 -20.19 6.07
CA ARG B 141 -29.00 -19.74 7.19
C ARG B 141 -29.61 -20.31 8.49
N GLU B 142 -28.80 -20.84 9.35
CA GLU B 142 -29.21 -21.53 10.64
C GLU B 142 -28.29 -21.11 11.80
N ALA B 143 -28.71 -21.24 13.06
CA ALA B 143 -27.91 -20.82 14.19
C ALA B 143 -26.53 -21.35 14.25
N GLY B 144 -25.59 -20.42 14.34
CA GLY B 144 -24.22 -20.74 14.39
C GLY B 144 -23.46 -20.97 13.11
N ASP B 145 -24.17 -21.07 11.99
CA ASP B 145 -23.50 -21.20 10.68
C ASP B 145 -22.50 -20.06 10.49
N ALA B 146 -21.42 -20.40 9.80
CA ALA B 146 -20.54 -19.32 9.35
C ALA B 146 -21.15 -18.70 8.07
N LEU B 147 -21.09 -17.39 7.95
CA LEU B 147 -21.75 -16.68 6.84
C LEU B 147 -20.76 -15.88 5.97
N ALA B 148 -21.11 -15.72 4.68
CA ALA B 148 -20.22 -15.08 3.74
C ALA B 148 -20.14 -13.60 4.09
N PRO B 149 -19.03 -12.96 3.84
CA PRO B 149 -18.92 -11.51 3.89
C PRO B 149 -19.99 -10.96 2.93
N VAL B 150 -20.49 -9.77 3.26
CA VAL B 150 -21.50 -9.16 2.46
C VAL B 150 -20.88 -8.29 1.42
N LEU B 151 -21.17 -8.61 0.16
CA LEU B 151 -20.69 -7.81 -0.90
C LEU B 151 -21.68 -6.69 -1.18
N ASP B 152 -21.18 -5.48 -1.16
CA ASP B 152 -22.01 -4.30 -1.45
C ASP B 152 -21.82 -3.84 -2.88
N GLU B 153 -22.46 -2.69 -3.17
CA GLU B 153 -22.49 -2.18 -4.55
C GLU B 153 -21.21 -1.48 -5.03
N THR B 154 -20.12 -1.61 -4.24
CA THR B 154 -18.87 -1.06 -4.74
C THR B 154 -18.16 -2.04 -5.71
N TRP B 155 -18.51 -3.30 -5.65
CA TRP B 155 -17.75 -4.36 -6.41
C TRP B 155 -18.29 -4.47 -7.82
N ARG B 156 -17.43 -4.90 -8.74
CA ARG B 156 -17.81 -5.24 -10.14
C ARG B 156 -17.12 -6.50 -10.57
N GLY B 157 -17.72 -7.19 -11.53
CA GLY B 157 -16.99 -8.25 -12.14
C GLY B 157 -17.88 -9.31 -12.68
N GLU B 158 -17.32 -10.50 -12.86
CA GLU B 158 -17.95 -11.51 -13.65
C GLU B 158 -18.59 -12.52 -12.74
N THR B 159 -19.86 -12.85 -12.98
CA THR B 159 -20.57 -13.97 -12.34
C THR B 159 -20.65 -15.02 -13.40
N GLY B 160 -19.87 -16.08 -13.21
CA GLY B 160 -19.70 -17.06 -14.28
C GLY B 160 -20.91 -17.99 -14.50
N GLU B 161 -20.86 -18.74 -15.58
CA GLU B 161 -21.94 -19.70 -15.90
C GLU B 161 -21.96 -20.87 -14.88
N TRP B 162 -23.11 -21.46 -14.75
CA TRP B 162 -23.23 -22.63 -13.91
C TRP B 162 -22.50 -23.82 -14.54
N ARG B 163 -21.88 -24.65 -13.72
CA ARG B 163 -21.12 -25.82 -14.10
C ARG B 163 -21.50 -26.97 -13.17
N PHE B 164 -21.48 -28.19 -13.68
CA PHE B 164 -21.72 -29.35 -12.81
C PHE B 164 -20.40 -30.01 -12.38
N SER B 165 -20.35 -30.40 -11.11
CA SER B 165 -19.33 -31.38 -10.63
CA SER B 165 -19.31 -31.37 -10.65
C SER B 165 -19.77 -32.82 -11.02
N ARG B 166 -18.85 -33.82 -10.98
CA ARG B 166 -19.25 -35.21 -11.28
C ARG B 166 -20.36 -35.73 -10.43
N SER B 167 -20.39 -35.25 -9.18
CA SER B 167 -21.44 -35.65 -8.25
C SER B 167 -22.81 -35.16 -8.67
N GLY B 168 -22.86 -34.12 -9.53
CA GLY B 168 -24.14 -33.53 -9.82
C GLY B 168 -24.38 -32.20 -9.17
N LEU B 169 -23.51 -31.79 -8.26
CA LEU B 169 -23.60 -30.50 -7.62
C LEU B 169 -23.29 -29.36 -8.59
N ARG B 170 -24.15 -28.38 -8.69
CA ARG B 170 -23.94 -27.24 -9.60
C ARG B 170 -23.25 -26.06 -8.84
N TYR B 171 -22.35 -25.38 -9.52
CA TYR B 171 -21.64 -24.23 -8.92
C TYR B 171 -21.31 -23.21 -9.99
N ARG B 172 -20.91 -22.02 -9.56
CA ARG B 172 -20.40 -21.00 -10.40
C ARG B 172 -19.38 -20.19 -9.71
N LEU B 173 -18.56 -19.45 -10.48
CA LEU B 173 -17.49 -18.63 -9.89
C LEU B 173 -17.74 -17.15 -10.06
N TYR B 174 -17.54 -16.40 -8.98
CA TYR B 174 -17.51 -14.90 -9.08
C TYR B 174 -16.07 -14.46 -9.11
N SER B 175 -15.72 -13.51 -9.98
CA SER B 175 -14.40 -12.84 -9.91
CA SER B 175 -14.42 -12.87 -9.95
C SER B 175 -14.68 -11.37 -9.91
N TYR B 176 -14.65 -10.76 -8.70
CA TYR B 176 -14.99 -9.35 -8.49
C TYR B 176 -13.81 -8.51 -8.07
N HIS B 177 -13.90 -7.20 -8.33
CA HIS B 177 -12.80 -6.31 -8.16
C HIS B 177 -13.39 -4.94 -7.83
N ARG B 178 -12.56 -4.12 -7.21
CA ARG B 178 -12.92 -2.68 -6.93
C ARG B 178 -11.67 -1.97 -6.70
N SER B 179 -11.72 -0.62 -6.73
CA SER B 179 -10.54 0.22 -6.47
C SER B 179 -10.46 0.31 -4.91
N1 CP6 C . 14.06 18.76 -4.09
C2 CP6 C . 15.15 19.20 -4.78
C3 CP6 C . 13.01 19.61 -4.02
C4 CP6 C . 12.95 20.89 -4.63
C5 CP6 C . 14.10 21.29 -5.28
N6 CP6 C . 15.20 20.49 -5.28
C7 CP6 C . 11.73 21.69 -4.59
C8 CP6 C . 11.14 22.13 -3.38
C9 CP6 C . 9.91 22.84 -3.40
C10 CP6 C . 9.31 23.06 -4.67
C11 CP6 C . 9.82 22.60 -5.90
C12 CP6 C . 11.06 21.95 -5.81
N13 CP6 C . 11.93 19.15 -3.32
N14 CP6 C . 16.19 18.47 -4.93
C15 CP6 C . 14.32 22.65 -5.95
C16 CP6 C . 14.47 22.46 -7.48
CL1 CP6 C . 7.81 23.96 -4.67
PB ATR D . 5.66 24.30 5.88
O1B ATR D . 5.43 25.58 6.66
O2B ATR D . 6.06 23.09 6.66
O3B ATR D . 6.62 24.49 4.72
PA ATR D . 3.86 22.85 4.06
O1A ATR D . 4.23 21.53 4.60
O2A ATR D . 4.17 23.23 2.69
O3A ATR D . 4.31 24.03 5.06
O5' ATR D . 2.25 23.12 4.12
C5' ATR D . 1.57 23.00 5.38
C4' ATR D . 0.11 22.95 5.07
O4' ATR D . -0.24 21.61 4.69
C3' ATR D . -0.74 23.25 6.30
O3' ATR D . -0.86 24.64 6.62
C2' ATR D . -2.04 22.55 5.85
O2' ATR D . -2.74 23.32 4.84
P2' ATR D . -3.96 24.33 5.33
O1P ATR D . -4.36 24.92 4.01
O2P ATR D . -3.32 25.34 6.23
O3P ATR D . -5.01 23.46 5.98
C1' ATR D . -1.56 21.28 5.15
N9 ATR D . -1.50 20.16 6.10
C8 ATR D . -0.53 19.90 7.04
N7 ATR D . -0.89 18.85 7.81
C5 ATR D . -2.07 18.40 7.31
C6 ATR D . -2.95 17.38 7.66
N6 ATR D . -2.57 16.55 8.68
N1 ATR D . -4.07 17.24 6.95
C2 ATR D . -4.43 18.12 5.96
N3 ATR D . -3.64 19.16 5.56
C4 ATR D . -2.50 19.28 6.23
N1 CP6 E . -12.31 -20.48 -0.40
C2 CP6 E . -12.78 -21.43 -1.22
C3 CP6 E . -11.72 -20.81 0.74
C4 CP6 E . -11.55 -22.20 1.07
C5 CP6 E . -12.03 -23.14 0.20
N6 CP6 E . -12.67 -22.74 -0.93
C7 CP6 E . -10.78 -22.56 2.27
C8 CP6 E . -11.20 -22.19 3.54
C9 CP6 E . -10.45 -22.43 4.71
C10 CP6 E . -9.23 -23.05 4.53
C11 CP6 E . -8.74 -23.51 3.27
C12 CP6 E . -9.55 -23.20 2.20
N13 CP6 E . -11.34 -19.81 1.55
N14 CP6 E . -13.30 -21.15 -2.41
C15 CP6 E . -11.97 -24.70 0.32
C16 CP6 E . -11.03 -25.30 -0.71
CL1 CP6 E . -8.24 -23.39 5.89
PB ATR F . -13.87 -17.51 13.31
O1B ATR F . -14.26 -17.97 12.02
O2B ATR F . -14.44 -18.14 14.55
O3B ATR F . -14.28 -16.01 13.48
PA ATR F . -11.07 -17.06 12.64
O1A ATR F . -11.40 -15.83 11.98
O2A ATR F . -10.51 -18.15 11.89
O3A ATR F . -12.29 -17.57 13.54
O5' ATR F . -10.04 -16.85 13.84
C5' ATR F . -10.28 -15.75 14.76
C4' ATR F . -9.01 -15.64 15.56
O4' ATR F . -8.01 -14.98 14.75
C3' ATR F . -9.17 -14.69 16.74
O3' ATR F . -9.76 -15.27 17.88
C2' ATR F . -7.71 -14.22 16.92
O2' ATR F . -6.88 -15.26 17.43
P2' ATR F . -6.59 -15.51 19.01
O1P ATR F . -5.56 -16.57 18.98
O2P ATR F . -7.90 -16.05 19.57
O3P ATR F . -6.13 -14.20 19.60
C1' ATR F . -7.31 -14.01 15.47
N9 ATR F . -7.51 -12.69 14.89
C8 ATR F . -8.59 -12.31 14.12
N7 ATR F . -8.43 -11.07 13.71
C5 ATR F . -7.22 -10.64 14.21
C6 ATR F . -6.49 -9.47 14.12
N6 ATR F . -6.89 -8.39 13.40
N1 ATR F . -5.31 -9.43 14.72
C2 ATR F . -4.80 -10.47 15.41
N3 ATR F . -5.46 -11.64 15.56
C4 ATR F . -6.65 -11.72 14.97
#